data_1H1B
#
_entry.id   1H1B
#
_cell.length_a   68.880
_cell.length_b   68.880
_cell.length_c   241.150
_cell.angle_alpha   90.00
_cell.angle_beta   90.00
_cell.angle_gamma   90.00
#
_symmetry.space_group_name_H-M   'P 43 2 2'
#
loop_
_entity.id
_entity.type
_entity.pdbx_description
1 polymer 'LEUKOCYTE ELASTASE'
2 branched alpha-L-fucopyranose-(1-6)-2-acetamido-2-deoxy-beta-D-glucopyranose
3 non-polymer '(2S)-3-METHYL-2-((2R,3S)-3-[(METHYLSULFONYL)AMINO]-1-{[2-(PYRROLIDIN-1-YLMETHYL)-1,3-OXAZOL-4-YL]CARBONYL}PYRROLIDIN-2-YL)BUTANOIC ACID'
4 water water
#
_entity_poly.entity_id   1
_entity_poly.type   'polypeptide(L)'
_entity_poly.pdbx_seq_one_letter_code
;IVGGRRARPHAWPFMVSLQLRGGHFCGATLIAPNFVMSAAHCVANVNVRAVRVVLGAHNLSRREPTRQVFAVQRIFENGY
DPVNLLNDIVILQLNGSATINANVQVAQLPAQGRRLGNGVQCLAMGWGLLGRNRGIASVLQELNVTVVTSLCRRSNVCTL
VRGRQAGVCFGDSGSPLVCNGLIHGIASFVRGGCASGLYPDAFAPVAQFVNWIDSIIQ
;
_entity_poly.pdbx_strand_id   A,B
#
loop_
_chem_comp.id
_chem_comp.type
_chem_comp.name
_chem_comp.formula
151 non-polymer '(2S)-3-METHYL-2-((2R,3S)-3-[(METHYLSULFONYL)AMINO]-1-{[2-(PYRROLIDIN-1-YLMETHYL)-1,3-OXAZOL-4-YL]CARBONYL}PYRROLIDIN-2-YL)BUTANOIC ACID' 'C19 H30 N4 O6 S'
FUC L-saccharide, alpha linking alpha-L-fucopyranose 'C6 H12 O5'
NAG D-saccharide, beta linking 2-acetamido-2-deoxy-beta-D-glucopyranose 'C8 H15 N O6'
#
# COMPACT_ATOMS: atom_id res chain seq x y z
N ILE A 1 -22.60 11.50 -2.72
CA ILE A 1 -23.64 11.06 -3.78
C ILE A 1 -24.46 12.24 -4.29
N VAL A 2 -24.40 12.46 -5.61
CA VAL A 2 -25.13 13.53 -6.25
C VAL A 2 -26.46 12.97 -6.83
N GLY A 3 -27.56 13.58 -6.40
CA GLY A 3 -28.90 13.22 -6.83
C GLY A 3 -29.49 11.89 -6.31
N GLY A 4 -29.04 11.43 -5.15
CA GLY A 4 -29.51 10.21 -4.53
C GLY A 4 -30.50 10.61 -3.47
N ARG A 5 -30.77 9.74 -2.49
CA ARG A 5 -31.64 10.04 -1.33
C ARG A 5 -31.03 9.56 -0.01
N ARG A 6 -31.61 9.96 1.13
CA ARG A 6 -31.14 9.46 2.40
C ARG A 6 -31.46 7.96 2.39
N ALA A 7 -30.54 7.16 2.90
CA ALA A 7 -30.80 5.77 3.09
C ALA A 7 -31.51 5.67 4.42
N ARG A 8 -32.24 4.57 4.58
CA ARG A 8 -32.89 4.29 5.80
C ARG A 8 -31.80 4.00 6.82
N PRO A 9 -31.95 4.49 8.03
CA PRO A 9 -30.99 4.21 9.08
C PRO A 9 -30.54 2.76 9.12
N HIS A 10 -29.23 2.60 9.25
CA HIS A 10 -28.69 1.27 9.41
C HIS A 10 -29.36 0.27 8.47
N ALA A 11 -29.64 0.74 7.24
CA ALA A 11 -30.17 -0.09 6.16
C ALA A 11 -29.12 -0.95 5.57
N TRP A 12 -27.86 -0.53 5.68
CA TRP A 12 -26.71 -1.24 5.10
C TRP A 12 -25.57 -1.38 6.12
N PRO A 13 -25.78 -2.31 7.05
CA PRO A 13 -24.91 -2.49 8.21
C PRO A 13 -23.44 -2.88 7.92
N PHE A 14 -23.10 -3.20 6.69
CA PHE A 14 -21.72 -3.40 6.36
C PHE A 14 -21.03 -2.07 5.93
N MET A 15 -21.73 -0.94 5.96
CA MET A 15 -21.24 0.31 5.35
C MET A 15 -20.29 0.97 6.33
N VAL A 16 -19.06 1.28 5.89
CA VAL A 16 -18.01 1.80 6.80
C VAL A 16 -17.59 3.25 6.43
N SER A 17 -17.34 4.10 7.43
CA SER A 17 -16.68 5.42 7.22
C SER A 17 -15.23 5.38 7.72
N LEU A 18 -14.28 5.60 6.81
CA LEU A 18 -12.89 5.85 7.08
C LEU A 18 -12.72 7.34 7.40
N GLN A 19 -12.14 7.63 8.56
CA GLN A 19 -11.97 8.98 9.09
C GLN A 19 -10.52 9.27 9.52
N LEU A 20 -10.09 10.53 9.31
CA LEU A 20 -8.82 11.01 9.81
C LEU A 20 -9.00 12.10 10.92
N ARG A 21 -8.74 11.74 12.19
CA ARG A 21 -9.02 12.62 13.36
C ARG A 21 -10.41 13.26 13.22
N GLY A 22 -11.40 12.39 13.05
CA GLY A 22 -12.80 12.77 13.04
C GLY A 22 -13.37 13.13 11.69
N GLY A 23 -12.52 13.17 10.67
CA GLY A 23 -13.01 13.57 9.39
C GLY A 23 -13.12 12.49 8.34
N HIS A 24 -14.36 12.20 7.97
CA HIS A 24 -14.66 11.25 6.89
C HIS A 24 -13.90 11.66 5.63
N PHE A 25 -13.20 10.73 5.00
CA PHE A 25 -12.56 10.95 3.68
C PHE A 25 -12.87 9.82 2.65
N CYS A 26 -13.43 8.68 3.07
CA CYS A 26 -13.73 7.60 2.11
C CYS A 26 -14.62 6.59 2.81
N GLY A 27 -15.31 5.74 2.03
CA GLY A 27 -16.12 4.66 2.63
C GLY A 27 -15.33 3.34 2.58
N ALA A 28 -15.97 2.28 3.06
CA ALA A 28 -15.40 0.94 3.01
C ALA A 28 -16.53 -0.07 3.29
N THR A 29 -16.18 -1.36 3.17
CA THR A 29 -17.09 -2.48 3.44
C THR A 29 -16.59 -3.53 4.44
N LEU A 30 -17.35 -3.82 5.49
CA LEU A 30 -16.95 -4.87 6.44
C LEU A 30 -17.14 -6.26 5.78
N ILE A 31 -16.04 -6.94 5.47
CA ILE A 31 -16.09 -8.23 4.81
C ILE A 31 -15.81 -9.45 5.74
N ALA A 32 -15.56 -9.15 7.02
CA ALA A 32 -15.28 -10.15 8.09
C ALA A 32 -15.24 -9.34 9.36
N PRO A 33 -15.42 -9.95 10.54
CA PRO A 33 -15.57 -9.16 11.76
C PRO A 33 -14.36 -8.34 12.01
N ASN A 34 -13.24 -8.71 11.37
CA ASN A 34 -12.01 -7.99 11.56
C ASN A 34 -11.33 -7.60 10.27
N PHE A 35 -12.09 -7.41 9.17
CA PHE A 35 -11.47 -6.96 7.95
C PHE A 35 -12.44 -6.04 7.15
N VAL A 36 -11.95 -4.91 6.63
CA VAL A 36 -12.78 -4.10 5.67
C VAL A 36 -12.04 -4.08 4.37
N MET A 37 -12.72 -3.76 3.28
CA MET A 37 -12.01 -3.54 2.07
C MET A 37 -12.56 -2.13 1.56
N SER A 38 -11.76 -1.47 0.76
CA SER A 38 -11.92 -0.10 0.32
C SER A 38 -11.05 0.04 -0.87
N ALA A 39 -10.84 1.26 -1.41
CA ALA A 39 -10.03 1.44 -2.58
C ALA A 39 -8.63 1.76 -2.13
N ALA A 40 -7.64 1.17 -2.81
CA ALA A 40 -6.26 1.44 -2.48
C ALA A 40 -6.00 2.97 -2.47
N HIS A 41 -6.66 3.70 -3.36
CA HIS A 41 -6.20 5.11 -3.55
C HIS A 41 -6.60 5.89 -2.34
N CYS A 42 -7.60 5.37 -1.63
CA CYS A 42 -8.06 6.04 -0.43
C CYS A 42 -6.98 6.15 0.71
N VAL A 43 -6.07 5.17 0.82
CA VAL A 43 -5.10 5.19 1.91
C VAL A 43 -3.76 5.55 1.40
N ALA A 44 -3.66 5.86 0.10
CA ALA A 44 -2.38 6.22 -0.44
C ALA A 44 -1.69 7.50 0.13
N ASN A 45 -2.37 8.62 0.34
CA ASN A 45 -1.47 9.69 0.84
C ASN A 45 -2.00 10.24 2.14
N VAL A 46 -2.05 9.34 3.12
CA VAL A 46 -2.52 9.70 4.44
C VAL A 46 -1.65 8.92 5.40
N ASN A 47 -1.58 9.38 6.62
CA ASN A 47 -0.91 8.64 7.70
C ASN A 47 -1.91 7.61 8.24
N VAL A 48 -1.73 6.37 7.84
CA VAL A 48 -2.68 5.33 8.19
C VAL A 48 -2.79 5.08 9.69
N ARG A 49 -1.74 5.48 10.44
CA ARG A 49 -1.80 5.31 11.92
C ARG A 49 -2.87 6.10 12.51
N ALA A 50 -3.24 7.15 11.84
CA ALA A 50 -4.28 8.04 12.32
C ALA A 50 -5.65 7.72 11.71
N VAL A 51 -5.76 6.65 10.97
CA VAL A 51 -7.05 6.38 10.33
C VAL A 51 -7.96 5.61 11.26
N ARG A 52 -9.21 6.03 11.39
CA ARG A 52 -10.15 5.32 12.22
C ARG A 52 -11.14 4.65 11.31
N VAL A 53 -11.39 3.37 11.57
CA VAL A 53 -12.35 2.61 10.76
C VAL A 53 -13.66 2.61 11.55
N VAL A 54 -14.71 3.33 11.08
CA VAL A 54 -15.91 3.54 11.89
C VAL A 54 -17.12 2.72 11.38
N LEU A 55 -17.59 1.85 12.27
CA LEU A 55 -18.63 0.89 11.92
C LEU A 55 -19.91 1.34 12.60
N GLY A 56 -21.03 0.93 12.02
CA GLY A 56 -22.35 1.24 12.54
C GLY A 56 -22.79 2.71 12.47
N ALA A 57 -22.21 3.48 11.56
CA ALA A 57 -22.59 4.92 11.53
C ALA A 57 -23.79 5.18 10.61
N HIS A 58 -24.52 6.26 10.88
CA HIS A 58 -25.62 6.74 10.00
C HIS A 58 -25.46 8.23 9.61
N ASN A 59 -25.61 9.10 10.62
CA ASN A 59 -25.45 10.54 10.46
C ASN A 59 -24.11 11.03 11.01
N LEU A 60 -23.17 11.43 10.13
CA LEU A 60 -21.83 11.85 10.61
C LEU A 60 -21.80 13.10 11.46
N SER A 61 -22.83 13.95 11.40
CA SER A 61 -22.87 15.13 12.27
C SER A 61 -23.53 14.84 13.60
N ARG A 62 -23.72 13.57 13.91
CA ARG A 62 -24.29 13.21 15.20
C ARG A 62 -23.40 12.30 16.05
N ARG A 63 -23.50 12.42 17.36
CA ARG A 63 -22.92 11.50 18.29
C ARG A 63 -23.75 10.25 18.03
N GLU A 64 -23.12 9.10 17.93
CA GLU A 64 -23.87 7.88 17.66
C GLU A 64 -23.32 6.69 18.43
N PRO A 65 -24.05 6.30 19.47
CA PRO A 65 -23.74 5.11 20.28
C PRO A 65 -23.76 3.79 19.51
N THR A 66 -24.48 3.70 18.40
CA THR A 66 -24.38 2.48 17.62
C THR A 66 -22.96 2.27 17.04
N ARG A 67 -22.07 3.27 17.07
CA ARG A 67 -20.76 3.09 16.36
C ARG A 67 -19.67 2.18 17.00
N GLN A 68 -18.92 1.47 16.17
CA GLN A 68 -17.75 0.73 16.65
C GLN A 68 -16.53 1.26 15.88
N VAL A 69 -15.44 1.59 16.60
CA VAL A 69 -14.24 2.21 16.01
C VAL A 69 -12.99 1.38 16.23
N PHE A 70 -12.31 1.04 15.12
CA PHE A 70 -11.11 0.24 15.13
C PHE A 70 -9.99 1.00 14.37
N ALA A 71 -8.77 0.45 14.46
CA ALA A 71 -7.66 0.96 13.71
C ALA A 71 -7.22 -0.10 12.77
N VAL A 72 -6.35 0.30 11.88
CA VAL A 72 -5.83 -0.59 10.94
C VAL A 72 -4.60 -1.30 11.62
N GLN A 73 -4.62 -2.63 11.60
CA GLN A 73 -3.49 -3.42 12.02
C GLN A 73 -2.66 -3.95 10.85
N ARG A 74 -3.29 -4.29 9.70
CA ARG A 74 -2.49 -4.76 8.52
C ARG A 74 -2.91 -4.33 7.09
N ILE A 75 -2.00 -4.28 6.13
CA ILE A 75 -2.45 -3.79 4.86
C ILE A 75 -2.09 -4.75 3.77
N PHE A 76 -3.03 -4.99 2.86
CA PHE A 76 -2.82 -5.86 1.70
C PHE A 76 -3.27 -5.23 0.38
N GLU A 77 -2.43 -5.20 -0.67
CA GLU A 77 -2.76 -4.61 -1.94
C GLU A 77 -2.23 -5.59 -2.97
N ASN A 78 -2.88 -5.64 -4.12
CA ASN A 78 -2.47 -6.63 -5.13
C ASN A 78 -2.42 -6.06 -6.52
N GLY A 79 -1.36 -5.33 -6.78
CA GLY A 79 -1.15 -4.76 -8.09
C GLY A 79 -1.86 -3.42 -8.34
N TYR A 80 -2.08 -2.66 -7.29
CA TYR A 80 -2.71 -1.32 -7.42
C TYR A 80 -1.80 -0.44 -8.27
N ASP A 81 -2.37 0.18 -9.30
CA ASP A 81 -1.65 1.05 -10.23
C ASP A 81 -2.07 2.49 -9.94
N PRO A 82 -1.16 3.25 -9.36
CA PRO A 82 -1.48 4.58 -8.88
C PRO A 82 -1.64 5.55 -10.00
N VAL A 83 -1.13 5.21 -11.19
CA VAL A 83 -1.21 6.12 -12.32
C VAL A 83 -2.61 6.04 -12.96
N ASN A 84 -3.23 4.87 -13.04
CA ASN A 84 -4.56 4.83 -13.72
C ASN A 84 -5.64 4.21 -12.90
N LEU A 85 -5.33 3.87 -11.67
CA LEU A 85 -6.33 3.25 -10.77
C LEU A 85 -6.78 1.81 -11.03
N LEU A 86 -6.14 1.16 -11.99
CA LEU A 86 -6.27 -0.27 -12.14
C LEU A 86 -6.00 -0.96 -10.77
N ASN A 87 -6.77 -1.99 -10.48
CA ASN A 87 -6.72 -2.76 -9.24
C ASN A 87 -6.78 -1.87 -7.99
N ASP A 88 -7.82 -1.01 -7.96
CA ASP A 88 -8.00 0.00 -6.88
C ASP A 88 -8.68 -0.62 -5.69
N ILE A 89 -7.95 -1.54 -5.03
CA ILE A 89 -8.53 -2.26 -3.94
C ILE A 89 -7.43 -2.51 -2.83
N VAL A 90 -7.84 -2.42 -1.57
CA VAL A 90 -6.98 -2.59 -0.43
C VAL A 90 -7.76 -3.38 0.60
N ILE A 91 -7.16 -4.37 1.28
CA ILE A 91 -7.86 -5.04 2.35
C ILE A 91 -7.22 -4.57 3.67
N LEU A 92 -8.03 -4.23 4.65
CA LEU A 92 -7.49 -3.72 5.90
C LEU A 92 -7.82 -4.57 7.10
N GLN A 93 -6.82 -5.24 7.67
CA GLN A 93 -7.08 -5.92 8.94
C GLN A 93 -7.34 -4.92 10.11
N LEU A 94 -8.34 -5.16 10.93
CA LEU A 94 -8.57 -4.23 12.02
C LEU A 94 -7.80 -4.69 13.33
N ASN A 95 -7.69 -3.80 14.31
CA ASN A 95 -6.96 -4.12 15.56
C ASN A 95 -7.82 -4.90 16.52
N GLY A 96 -9.00 -5.31 16.06
CA GLY A 96 -9.94 -6.08 16.88
C GLY A 96 -11.09 -6.68 16.07
N SER A 97 -12.10 -7.20 16.76
CA SER A 97 -13.27 -7.76 16.10
C SER A 97 -14.53 -7.00 16.44
N ALA A 98 -15.29 -6.65 15.40
CA ALA A 98 -16.57 -5.99 15.56
C ALA A 98 -17.56 -6.95 16.21
N THR A 99 -18.46 -6.37 16.99
CA THR A 99 -19.52 -7.09 17.64
C THR A 99 -20.67 -7.14 16.65
N ILE A 100 -21.02 -8.34 16.15
CA ILE A 100 -22.10 -8.42 15.16
C ILE A 100 -23.44 -8.11 15.79
N ASN A 101 -24.21 -7.23 15.17
CA ASN A 101 -25.50 -6.83 15.69
C ASN A 101 -26.38 -6.23 14.62
N ALA A 102 -27.37 -5.48 15.04
CA ALA A 102 -28.35 -4.90 14.11
C ALA A 102 -27.69 -3.89 13.18
N ASN A 103 -26.79 -3.12 13.80
CA ASN A 103 -26.10 -2.04 13.13
C ASN A 103 -24.79 -2.37 12.46
N VAL A 104 -24.32 -3.60 12.59
CA VAL A 104 -23.05 -3.99 12.00
C VAL A 104 -23.12 -5.44 11.54
N GLN A 105 -22.84 -5.70 10.27
CA GLN A 105 -22.92 -7.05 9.71
C GLN A 105 -21.95 -7.17 8.59
N VAL A 106 -21.42 -8.37 8.42
CA VAL A 106 -20.50 -8.69 7.36
C VAL A 106 -21.31 -8.73 6.07
N ALA A 107 -20.79 -8.20 4.97
CA ALA A 107 -21.57 -8.28 3.74
C ALA A 107 -21.22 -9.55 3.05
N GLN A 108 -21.96 -9.87 1.98
CA GLN A 108 -21.72 -11.11 1.26
C GLN A 108 -20.99 -10.81 -0.04
N LEU A 109 -20.25 -11.76 -0.59
CA LEU A 109 -19.52 -11.43 -1.80
C LEU A 109 -19.93 -12.33 -2.94
N PRO A 110 -19.55 -11.96 -4.15
CA PRO A 110 -19.78 -12.79 -5.33
C PRO A 110 -18.64 -13.76 -5.47
N ALA A 111 -18.78 -14.77 -6.32
CA ALA A 111 -17.72 -15.73 -6.50
C ALA A 111 -16.75 -15.24 -7.55
N GLN A 112 -15.50 -15.65 -7.40
CA GLN A 112 -14.42 -15.28 -8.33
C GLN A 112 -14.89 -15.29 -9.76
N GLY A 113 -14.55 -14.24 -10.49
CA GLY A 113 -14.86 -14.09 -11.90
C GLY A 113 -16.31 -13.81 -12.30
N ARG A 114 -17.23 -13.74 -11.34
CA ARG A 114 -18.65 -13.44 -11.61
C ARG A 114 -18.82 -12.01 -12.14
N ARG A 115 -18.80 -11.87 -13.47
CA ARG A 115 -19.03 -10.59 -14.18
C ARG A 115 -20.51 -10.19 -14.29
N LEU A 116 -20.78 -8.89 -14.47
CA LEU A 116 -22.16 -8.38 -14.70
C LEU A 116 -22.33 -7.85 -16.12
N GLY A 117 -23.56 -7.96 -16.65
CA GLY A 117 -23.80 -7.51 -18.00
C GLY A 117 -24.56 -6.19 -18.09
N ASN A 118 -24.47 -5.53 -19.23
CA ASN A 118 -25.14 -4.23 -19.38
C ASN A 118 -26.58 -4.29 -18.92
N GLY A 119 -26.99 -3.38 -18.03
CA GLY A 119 -28.37 -3.32 -17.59
C GLY A 119 -28.71 -3.83 -16.25
N VAL A 120 -27.78 -4.54 -15.61
CA VAL A 120 -28.10 -5.00 -14.29
C VAL A 120 -28.37 -3.79 -13.38
N GLN A 121 -29.27 -3.93 -12.45
CA GLN A 121 -29.60 -2.83 -11.63
C GLN A 121 -28.88 -2.92 -10.30
N CYS A 122 -28.19 -1.84 -9.93
CA CYS A 122 -27.47 -1.82 -8.66
C CYS A 122 -27.84 -0.61 -7.79
N LEU A 123 -27.20 -0.55 -6.63
CA LEU A 123 -27.40 0.51 -5.67
C LEU A 123 -26.03 0.99 -5.14
N ALA A 124 -25.68 2.25 -5.38
CA ALA A 124 -24.43 2.83 -4.86
C ALA A 124 -24.79 3.64 -3.63
N MET A 125 -23.82 3.90 -2.76
CA MET A 125 -24.09 4.62 -1.54
C MET A 125 -22.75 5.30 -1.05
N GLY A 126 -22.89 6.16 -0.06
CA GLY A 126 -21.74 6.76 0.59
C GLY A 126 -22.03 8.10 1.23
N TRP A 127 -21.03 8.64 1.92
CA TRP A 127 -21.18 9.97 2.50
C TRP A 127 -20.52 11.12 1.72
N GLY A 128 -20.31 10.99 0.42
CA GLY A 128 -19.69 12.09 -0.35
C GLY A 128 -20.52 13.35 -0.65
N LEU A 129 -19.99 14.21 -1.50
CA LEU A 129 -20.60 15.50 -1.77
C LEU A 129 -21.95 15.32 -2.43
N LEU A 130 -22.86 16.20 -2.02
CA LEU A 130 -24.24 16.27 -2.52
C LEU A 130 -24.37 16.84 -3.88
N GLY A 131 -23.33 17.50 -4.37
CA GLY A 131 -23.44 17.88 -5.81
C GLY A 131 -22.54 18.93 -6.42
N ARG A 132 -22.32 19.96 -5.59
CA ARG A 132 -21.45 21.13 -5.81
C ARG A 132 -22.11 22.39 -5.25
N ASN A 133 -23.29 22.14 -4.67
CA ASN A 133 -24.08 23.03 -3.80
C ASN A 133 -24.28 22.14 -2.55
N ARG A 134 -24.14 22.68 -1.34
CA ARG A 134 -24.20 21.82 -0.14
C ARG A 134 -22.92 20.95 -0.13
N GLY A 135 -22.34 20.71 1.02
CA GLY A 135 -21.11 19.94 1.00
C GLY A 135 -21.29 18.45 0.95
N ILE A 136 -20.51 17.81 1.81
CA ILE A 136 -20.45 16.39 2.08
C ILE A 136 -21.75 16.05 2.80
N ALA A 137 -22.27 14.87 2.51
CA ALA A 137 -23.48 14.41 3.19
C ALA A 137 -23.30 14.26 4.70
N SER A 138 -24.37 14.48 5.43
CA SER A 138 -24.35 14.22 6.84
C SER A 138 -24.89 12.78 6.99
N VAL A 139 -26.11 12.56 6.50
CA VAL A 139 -26.75 11.24 6.52
C VAL A 139 -26.33 10.40 5.29
N LEU A 140 -26.04 9.14 5.49
CA LEU A 140 -25.71 8.22 4.43
C LEU A 140 -26.73 8.33 3.27
N GLN A 141 -26.24 8.35 2.04
CA GLN A 141 -27.06 8.47 0.87
C GLN A 141 -26.99 7.24 0.05
N GLU A 142 -28.02 7.04 -0.76
CA GLU A 142 -28.07 5.92 -1.67
C GLU A 142 -28.61 6.35 -3.02
N LEU A 143 -28.24 5.60 -4.05
CA LEU A 143 -28.60 5.98 -5.41
C LEU A 143 -28.76 4.76 -6.32
N ASN A 144 -29.93 4.66 -6.97
CA ASN A 144 -30.19 3.58 -7.92
C ASN A 144 -29.36 3.81 -9.16
N VAL A 145 -28.56 2.83 -9.59
CA VAL A 145 -27.69 3.01 -10.76
C VAL A 145 -27.81 1.78 -11.72
N THR A 146 -27.21 1.86 -12.94
CA THR A 146 -27.25 0.77 -13.87
C THR A 146 -25.92 0.43 -14.44
N VAL A 147 -25.57 -0.88 -14.41
CA VAL A 147 -24.32 -1.30 -14.98
C VAL A 147 -24.24 -1.09 -16.47
N VAL A 148 -23.12 -0.59 -16.95
CA VAL A 148 -22.96 -0.36 -18.38
C VAL A 148 -21.55 -0.77 -18.84
N THR A 149 -21.37 -1.07 -20.12
CA THR A 149 -20.07 -1.49 -20.61
C THR A 149 -19.41 -0.57 -21.59
N SER A 150 -20.15 0.41 -22.10
CA SER A 150 -19.54 1.40 -22.98
C SER A 150 -18.88 2.43 -22.11
N LEU A 151 -17.79 2.98 -22.61
CA LEU A 151 -16.99 3.97 -21.93
C LEU A 151 -16.49 3.40 -20.60
N CYS A 152 -16.25 2.08 -20.59
CA CYS A 152 -15.81 1.36 -19.39
C CYS A 152 -14.69 0.38 -19.72
N ARG A 153 -13.68 0.30 -18.84
CA ARG A 153 -12.62 -0.70 -19.06
C ARG A 153 -13.16 -2.03 -18.71
N ARG A 154 -12.61 -3.06 -19.35
CA ARG A 154 -12.91 -4.45 -19.01
C ARG A 154 -12.54 -4.72 -17.54
N SER A 155 -11.55 -3.99 -17.02
CA SER A 155 -11.07 -4.20 -15.65
C SER A 155 -11.82 -3.40 -14.56
N ASN A 156 -12.94 -2.81 -14.97
CA ASN A 156 -13.81 -2.09 -14.09
C ASN A 156 -15.20 -2.55 -14.27
N VAL A 157 -15.99 -2.41 -13.21
CA VAL A 157 -17.42 -2.53 -13.25
C VAL A 157 -17.86 -1.04 -13.27
N CYS A 158 -18.84 -0.70 -14.11
CA CYS A 158 -19.16 0.73 -14.22
C CYS A 158 -20.65 0.90 -14.29
N THR A 159 -21.09 2.07 -13.79
CA THR A 159 -22.49 2.40 -13.68
C THR A 159 -22.80 3.78 -14.32
N LEU A 160 -24.08 3.99 -14.58
CA LEU A 160 -24.51 5.27 -15.13
C LEU A 160 -25.95 5.56 -14.87
N VAL A 161 -26.28 6.80 -14.51
CA VAL A 161 -27.66 7.18 -14.28
C VAL A 161 -28.11 7.83 -15.58
N ARG A 162 -29.22 7.32 -16.08
CA ARG A 162 -29.75 7.77 -17.35
C ARG A 162 -30.79 8.84 -17.15
N GLY A 163 -30.75 9.88 -17.97
CA GLY A 163 -31.80 10.89 -17.95
C GLY A 163 -31.66 12.05 -16.98
N ARG A 164 -30.60 12.04 -16.19
CA ARG A 164 -30.33 13.09 -15.23
C ARG A 164 -28.85 13.07 -14.84
N GLN A 165 -28.41 14.11 -14.16
CA GLN A 165 -27.02 14.22 -13.70
C GLN A 165 -26.98 13.65 -12.32
N ALA A 166 -26.43 12.46 -12.16
CA ALA A 166 -26.37 11.83 -10.84
C ALA A 166 -25.24 10.84 -10.81
N GLY A 167 -24.64 10.64 -9.62
CA GLY A 167 -23.54 9.70 -9.47
C GLY A 167 -22.75 9.93 -8.17
N VAL A 168 -21.63 9.23 -8.04
CA VAL A 168 -20.72 9.32 -6.86
C VAL A 168 -19.79 10.55 -6.94
N CYS A 169 -19.27 10.99 -5.80
CA CYS A 169 -18.44 12.18 -5.84
C CYS A 169 -17.45 12.08 -4.67
N PHE A 170 -16.60 13.08 -4.58
CA PHE A 170 -15.60 13.10 -3.49
C PHE A 170 -16.20 12.65 -2.18
N GLY A 171 -15.58 11.69 -1.53
CA GLY A 171 -16.10 11.26 -0.27
C GLY A 171 -16.75 9.88 -0.43
N ASP A 172 -17.10 9.49 -1.65
CA ASP A 172 -17.75 8.21 -1.84
C ASP A 172 -16.74 7.15 -2.20
N SER A 173 -15.53 7.56 -2.57
CA SER A 173 -14.53 6.61 -2.99
C SER A 173 -14.30 5.57 -1.85
N GLY A 174 -14.12 4.32 -2.27
CA GLY A 174 -14.00 3.18 -1.36
C GLY A 174 -15.33 2.56 -0.93
N SER A 175 -16.44 3.19 -1.27
CA SER A 175 -17.77 2.67 -0.84
C SER A 175 -18.22 1.50 -1.73
N PRO A 176 -19.07 0.63 -1.19
CA PRO A 176 -19.54 -0.53 -1.94
C PRO A 176 -20.65 -0.16 -2.99
N LEU A 177 -20.60 -0.88 -4.14
CA LEU A 177 -21.64 -0.98 -5.15
C LEU A 177 -22.31 -2.37 -4.94
N VAL A 178 -23.54 -2.37 -4.42
CA VAL A 178 -24.30 -3.58 -4.22
C VAL A 178 -25.18 -3.90 -5.46
N CYS A 179 -25.09 -5.14 -5.96
CA CYS A 179 -25.90 -5.61 -7.06
C CYS A 179 -26.45 -7.00 -6.70
N ASN A 180 -27.77 -7.12 -6.69
CA ASN A 180 -28.40 -8.39 -6.33
C ASN A 180 -27.91 -8.88 -4.98
N GLY A 181 -27.74 -7.93 -4.09
CA GLY A 181 -27.31 -8.22 -2.74
C GLY A 181 -25.86 -8.60 -2.49
N LEU A 182 -25.03 -8.77 -3.53
CA LEU A 182 -23.60 -8.97 -3.34
C LEU A 182 -22.77 -7.72 -3.70
N ILE A 183 -21.62 -7.56 -3.05
CA ILE A 183 -20.73 -6.46 -3.35
C ILE A 183 -19.94 -6.70 -4.58
N HIS A 184 -20.32 -6.07 -5.68
CA HIS A 184 -19.63 -6.26 -6.90
C HIS A 184 -18.66 -5.17 -7.17
N GLY A 185 -18.67 -4.11 -6.39
CA GLY A 185 -17.83 -2.96 -6.78
C GLY A 185 -17.34 -2.09 -5.62
N ILE A 186 -16.22 -1.40 -5.79
CA ILE A 186 -15.76 -0.45 -4.78
C ILE A 186 -15.63 0.84 -5.50
N ALA A 187 -16.29 1.86 -4.99
CA ALA A 187 -16.21 3.15 -5.76
C ALA A 187 -14.77 3.66 -5.99
N SER A 188 -14.43 3.95 -7.23
CA SER A 188 -13.01 4.21 -7.57
C SER A 188 -12.73 5.55 -8.18
N PHE A 189 -13.41 5.81 -9.33
CA PHE A 189 -13.16 7.04 -10.04
C PHE A 189 -14.34 7.48 -10.95
N VAL A 190 -14.29 8.75 -11.30
CA VAL A 190 -15.30 9.44 -12.11
C VAL A 190 -14.58 10.13 -13.19
N ARG A 191 -15.30 10.55 -14.25
CA ARG A 191 -14.67 11.23 -15.39
C ARG A 191 -15.58 12.39 -15.86
N GLY A 192 -14.94 13.47 -16.32
CA GLY A 192 -15.68 14.66 -16.75
C GLY A 192 -16.29 15.32 -15.52
N GLY A 193 -15.69 15.11 -14.34
CA GLY A 193 -16.32 15.70 -13.14
C GLY A 193 -17.41 14.79 -12.61
N CYS A 194 -17.91 15.09 -11.42
CA CYS A 194 -18.92 14.32 -10.79
C CYS A 194 -20.25 14.56 -11.53
N ALA A 195 -20.94 13.45 -11.77
CA ALA A 195 -22.27 13.49 -12.27
C ALA A 195 -22.38 14.31 -13.53
N SER A 196 -21.52 13.98 -14.51
CA SER A 196 -21.42 14.63 -15.78
C SER A 196 -22.62 14.32 -16.70
N GLY A 197 -23.31 13.19 -16.46
CA GLY A 197 -24.35 12.65 -17.31
C GLY A 197 -23.71 12.14 -18.58
N LEU A 198 -22.41 12.33 -18.71
CA LEU A 198 -21.77 11.86 -19.92
C LEU A 198 -20.95 10.54 -19.77
N TYR A 199 -20.18 10.47 -18.70
CA TYR A 199 -19.31 9.30 -18.44
C TYR A 199 -19.82 8.51 -17.25
N PRO A 200 -19.75 7.18 -17.34
CA PRO A 200 -20.22 6.29 -16.28
C PRO A 200 -19.23 6.35 -15.07
N ASP A 201 -19.68 6.06 -13.87
CA ASP A 201 -18.83 5.95 -12.69
C ASP A 201 -18.13 4.59 -12.72
N ALA A 202 -16.86 4.55 -12.32
CA ALA A 202 -16.08 3.29 -12.31
C ALA A 202 -15.77 2.74 -10.89
N PHE A 203 -15.96 1.42 -10.74
CA PHE A 203 -15.80 0.73 -9.51
C PHE A 203 -14.87 -0.44 -9.80
N ALA A 204 -14.05 -0.73 -8.79
CA ALA A 204 -13.15 -1.85 -8.82
C ALA A 204 -13.98 -3.09 -8.78
N PRO A 205 -13.64 -4.03 -9.62
CA PRO A 205 -14.46 -5.23 -9.74
C PRO A 205 -14.17 -6.27 -8.69
N VAL A 206 -14.97 -6.31 -7.64
CA VAL A 206 -14.64 -7.11 -6.51
C VAL A 206 -14.44 -8.59 -6.92
N ALA A 207 -15.26 -9.00 -7.88
CA ALA A 207 -15.38 -10.40 -8.23
C ALA A 207 -14.10 -10.91 -8.81
N GLN A 208 -13.31 -10.02 -9.36
CA GLN A 208 -12.05 -10.43 -9.93
C GLN A 208 -10.97 -10.69 -8.78
N PHE A 209 -11.37 -10.48 -7.52
CA PHE A 209 -10.43 -10.46 -6.39
C PHE A 209 -10.87 -11.42 -5.30
N VAL A 210 -12.06 -12.00 -5.51
CA VAL A 210 -12.57 -12.92 -4.50
C VAL A 210 -11.54 -14.01 -3.92
N ASN A 211 -10.79 -14.69 -4.80
CA ASN A 211 -9.85 -15.76 -4.41
C ASN A 211 -8.73 -15.16 -3.53
N TRP A 212 -8.24 -13.97 -3.87
CA TRP A 212 -7.15 -13.31 -3.14
C TRP A 212 -7.67 -12.86 -1.80
N ILE A 213 -8.90 -12.33 -1.83
CA ILE A 213 -9.55 -11.86 -0.63
C ILE A 213 -9.76 -13.03 0.34
N ASP A 214 -10.35 -14.12 -0.14
CA ASP A 214 -10.55 -15.25 0.74
C ASP A 214 -9.20 -15.68 1.35
N SER A 215 -8.13 -15.73 0.57
CA SER A 215 -6.85 -16.17 1.08
C SER A 215 -6.28 -15.28 2.20
N ILE A 216 -6.81 -14.08 2.36
CA ILE A 216 -6.32 -13.17 3.39
C ILE A 216 -7.23 -13.27 4.55
N ILE A 217 -8.52 -13.42 4.25
CA ILE A 217 -9.51 -13.43 5.29
C ILE A 217 -9.68 -14.79 5.93
N GLN A 218 -9.26 -15.85 5.23
CA GLN A 218 -9.42 -17.25 5.68
C GLN A 218 -9.63 -17.37 7.18
N ILE B 1 24.19 5.38 6.20
CA ILE B 1 25.05 4.40 6.93
C ILE B 1 26.05 5.16 7.80
N VAL B 2 25.95 4.91 9.11
CA VAL B 2 26.85 5.50 10.10
C VAL B 2 28.06 4.58 10.31
N GLY B 3 29.26 5.07 10.02
CA GLY B 3 30.50 4.33 10.25
C GLY B 3 30.89 3.22 9.28
N GLY B 4 30.58 3.42 8.00
CA GLY B 4 30.87 2.40 7.00
C GLY B 4 31.93 2.93 6.07
N ARG B 5 32.08 2.32 4.92
CA ARG B 5 33.02 2.81 3.94
C ARG B 5 32.35 3.01 2.58
N ARG B 6 32.88 3.93 1.80
CA ARG B 6 32.44 4.13 0.42
C ARG B 6 32.51 2.82 -0.34
N ALA B 7 31.58 2.59 -1.26
CA ALA B 7 31.61 1.34 -2.02
C ALA B 7 32.32 1.55 -3.34
N ARG B 8 32.87 0.48 -3.88
CA ARG B 8 33.53 0.55 -5.17
C ARG B 8 32.46 0.76 -6.24
N PRO B 9 32.62 1.81 -7.03
CA PRO B 9 31.68 2.13 -8.10
C PRO B 9 31.03 0.92 -8.72
N HIS B 10 29.71 0.82 -8.51
CA HIS B 10 28.92 -0.21 -9.17
C HIS B 10 29.33 -1.61 -8.75
N ALA B 11 29.54 -1.79 -7.44
CA ALA B 11 29.88 -3.09 -6.83
C ALA B 11 28.62 -3.87 -6.52
N TRP B 12 27.51 -3.15 -6.42
CA TRP B 12 26.21 -3.77 -6.15
C TRP B 12 25.18 -3.19 -7.14
N PRO B 13 25.22 -3.67 -8.39
CA PRO B 13 24.38 -3.14 -9.47
C PRO B 13 22.91 -3.47 -9.33
N PHE B 14 22.52 -4.10 -8.22
CA PHE B 14 21.14 -4.36 -7.95
C PHE B 14 20.59 -3.26 -7.01
N MET B 15 21.44 -2.34 -6.62
CA MET B 15 21.09 -1.38 -5.59
C MET B 15 20.33 -0.22 -6.21
N VAL B 16 19.27 0.22 -5.55
CA VAL B 16 18.39 1.23 -6.18
C VAL B 16 18.11 2.39 -5.26
N SER B 17 18.08 3.60 -5.83
CA SER B 17 17.71 4.82 -5.10
C SER B 17 16.31 5.33 -5.45
N LEU B 18 15.44 5.44 -4.44
CA LEU B 18 14.08 5.96 -4.62
C LEU B 18 14.09 7.48 -4.33
N GLN B 19 13.60 8.32 -5.26
CA GLN B 19 13.66 9.81 -5.11
C GLN B 19 12.32 10.53 -5.34
N LEU B 20 12.20 11.71 -4.76
CA LEU B 20 10.97 12.47 -4.81
C LEU B 20 11.48 13.86 -4.89
N ARG B 21 11.09 14.56 -5.95
CA ARG B 21 11.72 15.82 -6.29
C ARG B 21 13.08 15.40 -6.82
N GLY B 22 14.15 16.05 -6.38
CA GLY B 22 15.46 15.62 -6.85
C GLY B 22 16.28 14.98 -5.75
N GLY B 23 15.59 14.49 -4.72
CA GLY B 23 16.28 13.96 -3.57
C GLY B 23 15.97 12.53 -3.14
N HIS B 24 17.02 11.81 -2.73
CA HIS B 24 16.94 10.42 -2.29
C HIS B 24 16.18 10.37 -0.99
N PHE B 25 15.31 9.37 -0.84
CA PHE B 25 14.62 9.23 0.43
C PHE B 25 14.62 7.79 0.93
N CYS B 26 14.81 6.81 0.05
CA CYS B 26 14.88 5.40 0.49
C CYS B 26 15.60 4.57 -0.55
N GLY B 27 16.08 3.39 -0.15
CA GLY B 27 16.69 2.50 -1.10
C GLY B 27 15.69 1.46 -1.55
N ALA B 28 16.15 0.61 -2.48
CA ALA B 28 15.34 -0.52 -2.91
C ALA B 28 16.31 -1.44 -3.61
N THR B 29 15.78 -2.59 -4.01
CA THR B 29 16.50 -3.64 -4.71
C THR B 29 15.84 -4.16 -6.04
N LEU B 30 16.57 -4.14 -7.14
CA LEU B 30 16.08 -4.69 -8.40
C LEU B 30 16.09 -6.19 -8.36
N ILE B 31 14.92 -6.79 -8.42
CA ILE B 31 14.77 -8.23 -8.32
C ILE B 31 14.29 -8.85 -9.65
N ALA B 32 13.84 -8.05 -10.60
CA ALA B 32 13.48 -8.53 -11.94
C ALA B 32 13.64 -7.25 -12.75
N PRO B 33 13.93 -7.31 -14.06
CA PRO B 33 14.20 -6.07 -14.81
C PRO B 33 13.05 -5.01 -14.73
N ASN B 34 11.82 -5.44 -14.46
CA ASN B 34 10.70 -4.49 -14.31
C ASN B 34 10.14 -4.52 -12.90
N PHE B 35 10.95 -4.90 -11.89
CA PHE B 35 10.42 -5.04 -10.54
C PHE B 35 11.47 -4.72 -9.44
N VAL B 36 11.06 -3.91 -8.44
CA VAL B 36 11.94 -3.65 -7.28
C VAL B 36 11.27 -4.00 -5.99
N MET B 37 12.08 -4.11 -4.90
CA MET B 37 11.53 -4.50 -3.62
C MET B 37 12.03 -3.45 -2.66
N SER B 38 11.22 -3.08 -1.65
CA SER B 38 11.64 -2.06 -0.73
C SER B 38 10.82 -2.20 0.51
N ALA B 39 10.93 -1.21 1.40
CA ALA B 39 10.17 -1.27 2.62
C ALA B 39 8.80 -0.59 2.36
N ALA B 40 7.74 -1.26 2.75
CA ALA B 40 6.38 -0.70 2.74
C ALA B 40 6.31 0.73 3.33
N HIS B 41 7.11 0.98 4.37
CA HIS B 41 7.00 2.24 5.09
C HIS B 41 7.46 3.38 4.23
N CYS B 42 8.38 3.07 3.33
CA CYS B 42 8.95 4.05 2.43
C CYS B 42 7.93 4.72 1.50
N VAL B 43 6.92 3.97 1.04
CA VAL B 43 5.94 4.54 0.11
C VAL B 43 4.64 4.91 0.77
N ALA B 44 4.52 4.72 2.09
CA ALA B 44 3.23 4.93 2.79
C ALA B 44 2.60 6.35 2.82
N ASN B 45 3.36 7.38 2.94
CA ASN B 45 2.49 8.58 2.97
C ASN B 45 3.22 9.59 2.17
N VAL B 46 3.46 9.20 0.91
CA VAL B 46 4.10 10.00 -0.11
C VAL B 46 3.26 9.90 -1.38
N ASN B 47 3.54 10.77 -2.35
CA ASN B 47 2.84 10.74 -3.60
C ASN B 47 3.57 9.82 -4.51
N VAL B 48 3.12 8.58 -4.55
CA VAL B 48 3.85 7.56 -5.30
C VAL B 48 4.03 7.84 -6.76
N ARG B 49 3.08 8.56 -7.36
CA ARG B 49 3.17 8.93 -8.76
C ARG B 49 4.38 9.75 -9.04
N ALA B 50 4.80 10.47 -8.04
CA ALA B 50 5.96 11.33 -8.25
C ALA B 50 7.28 10.60 -8.03
N VAL B 51 7.25 9.35 -7.52
CA VAL B 51 8.47 8.63 -7.18
C VAL B 51 9.31 8.18 -8.38
N ARG B 52 10.57 8.57 -8.41
CA ARG B 52 11.49 8.12 -9.41
C ARG B 52 12.38 6.96 -8.88
N VAL B 53 12.39 5.87 -9.64
CA VAL B 53 13.16 4.72 -9.29
C VAL B 53 14.45 4.78 -10.10
N VAL B 54 15.57 5.09 -9.44
CA VAL B 54 16.84 5.28 -10.14
C VAL B 54 17.75 4.06 -10.01
N LEU B 55 18.04 3.41 -11.13
CA LEU B 55 18.93 2.25 -11.19
C LEU B 55 20.28 2.73 -11.62
N GLY B 56 21.28 1.88 -11.39
CA GLY B 56 22.62 2.16 -11.87
C GLY B 56 23.30 3.39 -11.33
N ALA B 57 22.88 3.86 -10.15
CA ALA B 57 23.49 5.04 -9.57
C ALA B 57 24.68 4.64 -8.69
N HIS B 58 25.59 5.58 -8.44
CA HIS B 58 26.68 5.33 -7.51
C HIS B 58 26.96 6.54 -6.62
N ASN B 59 26.98 7.74 -7.22
CA ASN B 59 27.18 8.98 -6.48
C ASN B 59 26.12 10.01 -6.83
N LEU B 60 25.07 10.03 -6.03
CA LEU B 60 23.90 10.90 -6.21
C LEU B 60 24.18 12.39 -6.44
N SER B 61 25.36 12.87 -6.08
CA SER B 61 25.66 14.29 -6.31
C SER B 61 26.07 14.60 -7.75
N ARG B 62 26.43 13.58 -8.51
CA ARG B 62 26.84 13.82 -9.88
C ARG B 62 25.88 13.29 -10.94
N ARG B 63 26.04 13.81 -12.15
CA ARG B 63 25.32 13.33 -13.31
C ARG B 63 25.90 11.95 -13.57
N GLU B 64 25.06 11.02 -13.98
CA GLU B 64 25.53 9.66 -14.20
C GLU B 64 24.83 8.97 -15.37
N PRO B 65 25.50 8.93 -16.52
CA PRO B 65 24.96 8.30 -17.73
C PRO B 65 24.52 6.88 -17.46
N THR B 66 25.18 6.25 -16.49
CA THR B 66 24.88 4.88 -16.11
C THR B 66 23.49 4.71 -15.53
N ARG B 67 22.80 5.81 -15.24
CA ARG B 67 21.47 5.67 -14.65
C ARG B 67 20.37 5.29 -15.65
N GLN B 68 19.43 4.52 -15.14
CA GLN B 68 18.24 4.15 -15.87
C GLN B 68 17.16 4.55 -14.87
N VAL B 69 16.26 5.44 -15.31
CA VAL B 69 15.24 5.96 -14.42
C VAL B 69 13.84 5.51 -14.78
N PHE B 70 13.14 4.96 -13.81
CA PHE B 70 11.78 4.48 -14.00
C PHE B 70 10.74 5.12 -13.05
N ALA B 71 9.49 4.74 -13.29
CA ALA B 71 8.35 5.18 -12.51
C ALA B 71 7.62 3.98 -12.02
N VAL B 72 6.77 4.15 -11.01
CA VAL B 72 6.07 3.06 -10.38
C VAL B 72 4.79 2.73 -11.15
N GLN B 73 4.54 1.45 -11.41
CA GLN B 73 3.34 1.07 -12.14
C GLN B 73 2.33 0.20 -11.38
N ARG B 74 2.80 -0.69 -10.51
CA ARG B 74 1.91 -1.49 -9.69
C ARG B 74 2.54 -1.67 -8.32
N ILE B 75 1.69 -1.82 -7.30
CA ILE B 75 2.10 -1.98 -5.94
C ILE B 75 1.42 -3.19 -5.31
N PHE B 76 2.23 -3.97 -4.60
CA PHE B 76 1.81 -5.18 -3.92
C PHE B 76 2.34 -5.15 -2.45
N GLU B 77 1.48 -5.43 -1.47
CA GLU B 77 1.86 -5.43 -0.08
C GLU B 77 1.10 -6.59 0.51
N ASN B 78 1.69 -7.24 1.53
CA ASN B 78 1.06 -8.44 2.09
C ASN B 78 1.05 -8.39 3.58
N GLY B 79 0.17 -7.59 4.18
CA GLY B 79 0.04 -7.64 5.62
C GLY B 79 0.89 -6.64 6.42
N TYR B 80 1.35 -5.58 5.77
CA TYR B 80 2.11 -4.51 6.43
C TYR B 80 1.29 -3.89 7.54
N ASP B 81 1.92 -3.79 8.71
CA ASP B 81 1.33 -3.23 9.88
C ASP B 81 1.96 -1.82 10.08
N PRO B 82 1.19 -0.75 9.90
CA PRO B 82 1.77 0.59 10.04
C PRO B 82 2.15 0.96 11.46
N VAL B 83 1.53 0.31 12.45
CA VAL B 83 1.78 0.56 13.87
C VAL B 83 3.13 0.02 14.35
N ASN B 84 3.48 -1.23 14.03
CA ASN B 84 4.75 -1.77 14.54
C ASN B 84 5.73 -2.14 13.45
N LEU B 85 5.40 -1.85 12.17
CA LEU B 85 6.32 -2.25 11.06
C LEU B 85 6.53 -3.76 10.78
N LEU B 86 5.69 -4.61 11.32
CA LEU B 86 5.65 -6.02 10.89
C LEU B 86 5.44 -6.08 9.36
N ASN B 87 6.02 -7.08 8.68
CA ASN B 87 5.81 -7.23 7.23
C ASN B 87 6.07 -5.93 6.46
N ASP B 88 7.20 -5.32 6.74
CA ASP B 88 7.62 -4.07 6.07
C ASP B 88 8.24 -4.26 4.71
N ILE B 89 7.45 -4.72 3.73
CA ILE B 89 7.99 -4.94 2.39
C ILE B 89 6.91 -4.57 1.34
N VAL B 90 7.36 -4.11 0.18
CA VAL B 90 6.48 -3.81 -0.90
C VAL B 90 7.25 -4.15 -2.17
N ILE B 91 6.55 -4.71 -3.15
CA ILE B 91 7.13 -4.98 -4.47
C ILE B 91 6.56 -3.93 -5.41
N LEU B 92 7.41 -3.25 -6.17
CA LEU B 92 6.97 -2.25 -7.10
C LEU B 92 7.27 -2.69 -8.49
N GLN B 93 6.25 -2.84 -9.32
CA GLN B 93 6.51 -3.03 -10.77
C GLN B 93 6.82 -1.67 -11.39
N LEU B 94 7.73 -1.62 -12.36
CA LEU B 94 8.15 -0.41 -12.97
C LEU B 94 7.34 -0.12 -14.27
N ASN B 95 7.49 1.06 -14.85
CA ASN B 95 6.67 1.33 -16.03
C ASN B 95 7.29 0.68 -17.26
N GLY B 96 8.56 0.23 -17.14
CA GLY B 96 9.31 -0.48 -18.18
C GLY B 96 10.37 -1.48 -17.63
N SER B 97 11.25 -2.00 -18.48
CA SER B 97 12.26 -2.99 -18.06
C SER B 97 13.66 -2.49 -18.10
N ALA B 98 14.43 -2.83 -17.09
CA ALA B 98 15.82 -2.36 -17.07
C ALA B 98 16.60 -3.04 -18.20
N THR B 99 17.65 -2.38 -18.69
CA THR B 99 18.59 -3.01 -19.61
C THR B 99 19.72 -3.62 -18.77
N ILE B 100 19.71 -4.94 -18.61
CA ILE B 100 20.72 -5.63 -17.84
C ILE B 100 22.08 -5.43 -18.44
N ASN B 101 22.95 -4.72 -17.71
CA ASN B 101 24.33 -4.52 -18.14
C ASN B 101 25.30 -4.59 -16.94
N ALA B 102 26.49 -4.00 -17.10
CA ALA B 102 27.52 -4.01 -16.04
C ALA B 102 27.00 -3.31 -14.80
N ASN B 103 26.33 -2.19 -15.02
CA ASN B 103 25.81 -1.34 -13.94
C ASN B 103 24.43 -1.70 -13.39
N VAL B 104 23.69 -2.58 -14.05
CA VAL B 104 22.36 -2.89 -13.57
C VAL B 104 22.07 -4.35 -13.67
N GLN B 105 21.83 -5.02 -12.55
CA GLN B 105 21.55 -6.47 -12.56
C GLN B 105 20.56 -6.84 -11.49
N VAL B 106 19.90 -7.97 -11.67
CA VAL B 106 18.92 -8.47 -10.73
C VAL B 106 19.68 -9.21 -9.62
N ALA B 107 19.35 -8.94 -8.37
CA ALA B 107 19.98 -9.59 -7.21
C ALA B 107 19.27 -10.89 -7.03
N GLN B 108 19.83 -11.81 -6.26
CA GLN B 108 19.15 -13.09 -6.10
C GLN B 108 18.57 -13.18 -4.70
N LEU B 109 17.48 -13.90 -4.56
CA LEU B 109 16.83 -14.05 -3.28
C LEU B 109 17.06 -15.43 -2.63
N PRO B 110 16.85 -15.51 -1.31
CA PRO B 110 16.91 -16.75 -0.53
C PRO B 110 15.66 -17.64 -0.76
N ALA B 111 15.81 -18.94 -0.52
CA ALA B 111 14.70 -19.85 -0.64
C ALA B 111 13.67 -19.55 0.43
N GLN B 112 12.40 -19.74 0.10
CA GLN B 112 11.38 -19.58 1.10
C GLN B 112 11.88 -20.32 2.30
N GLY B 113 11.55 -19.78 3.47
CA GLY B 113 11.83 -20.36 4.78
C GLY B 113 13.24 -20.29 5.38
N ARG B 114 14.23 -20.07 4.53
CA ARG B 114 15.62 -20.05 4.98
C ARG B 114 15.86 -19.04 6.13
N ARG B 115 16.13 -19.59 7.31
CA ARG B 115 16.38 -18.83 8.54
C ARG B 115 17.85 -18.58 8.86
N LEU B 116 18.13 -17.36 9.34
CA LEU B 116 19.48 -16.91 9.63
C LEU B 116 19.84 -17.03 11.13
N GLY B 117 21.03 -17.57 11.39
CA GLY B 117 21.53 -17.82 12.73
C GLY B 117 22.57 -16.87 13.28
N ASN B 118 22.38 -16.50 14.55
CA ASN B 118 23.31 -15.62 15.21
C ASN B 118 24.72 -15.99 14.72
N GLY B 119 25.47 -14.98 14.27
CA GLY B 119 26.81 -15.21 13.80
C GLY B 119 27.14 -14.96 12.36
N VAL B 120 26.19 -15.10 11.43
CA VAL B 120 26.50 -14.90 10.01
C VAL B 120 27.03 -13.49 9.63
N GLN B 121 27.91 -13.39 8.65
CA GLN B 121 28.43 -12.07 8.30
C GLN B 121 27.87 -11.46 7.03
N CYS B 122 27.06 -10.43 7.21
CA CYS B 122 26.40 -9.79 6.08
C CYS B 122 26.92 -8.42 5.77
N LEU B 123 26.34 -7.84 4.75
CA LEU B 123 26.76 -6.52 4.37
C LEU B 123 25.52 -5.65 4.14
N ALA B 124 25.49 -4.50 4.80
CA ALA B 124 24.40 -3.55 4.65
C ALA B 124 24.91 -2.41 3.82
N MET B 125 23.99 -1.66 3.21
CA MET B 125 24.38 -0.56 2.37
C MET B 125 23.22 0.44 2.22
N GLY B 126 23.53 1.64 1.73
CA GLY B 126 22.55 2.69 1.53
C GLY B 126 23.19 4.07 1.32
N TRP B 127 22.38 5.03 0.86
CA TRP B 127 22.82 6.42 0.73
C TRP B 127 22.24 7.22 1.91
N GLY B 128 21.82 6.53 2.98
CA GLY B 128 21.28 7.20 4.13
C GLY B 128 22.22 8.10 4.92
N LEU B 129 21.64 8.73 5.93
CA LEU B 129 22.29 9.71 6.78
C LEU B 129 23.63 9.22 7.30
N LEU B 130 24.67 10.00 7.08
CA LEU B 130 26.00 9.63 7.54
C LEU B 130 26.02 9.64 9.06
N GLY B 131 25.03 10.29 9.67
CA GLY B 131 24.89 10.34 11.12
C GLY B 131 24.02 11.44 11.73
N ARG B 132 24.26 12.70 11.31
CA ARG B 132 23.63 13.87 11.92
C ARG B 132 24.63 15.06 11.92
N ASN B 133 25.88 14.76 11.55
CA ASN B 133 26.96 15.75 11.42
C ASN B 133 27.40 15.56 9.98
N ARG B 134 26.73 16.34 9.15
CA ARG B 134 26.64 16.25 7.69
C ARG B 134 25.45 15.35 7.38
N GLY B 135 24.71 15.71 6.36
CA GLY B 135 23.51 15.00 6.03
C GLY B 135 23.76 13.74 5.25
N ILE B 136 22.96 13.60 4.20
CA ILE B 136 22.95 12.41 3.39
C ILE B 136 24.25 12.14 2.63
N ALA B 137 24.37 10.87 2.25
CA ALA B 137 25.49 10.34 1.52
C ALA B 137 25.49 10.82 0.08
N SER B 138 26.67 11.10 -0.45
CA SER B 138 26.80 11.37 -1.87
C SER B 138 27.06 10.03 -2.54
N VAL B 139 28.10 9.35 -2.06
CA VAL B 139 28.52 8.03 -2.54
C VAL B 139 27.88 6.88 -1.75
N LEU B 140 27.46 5.82 -2.45
CA LEU B 140 26.89 4.65 -1.80
C LEU B 140 27.87 4.10 -0.74
N GLN B 141 27.36 3.83 0.46
CA GLN B 141 28.17 3.28 1.55
C GLN B 141 27.82 1.83 1.81
N GLU B 142 28.75 1.11 2.47
CA GLU B 142 28.54 -0.28 2.87
C GLU B 142 29.06 -0.54 4.27
N LEU B 143 28.56 -1.60 4.91
CA LEU B 143 28.88 -1.81 6.30
C LEU B 143 28.86 -3.27 6.62
N ASN B 144 29.94 -3.80 7.18
CA ASN B 144 29.95 -5.21 7.58
C ASN B 144 29.14 -5.32 8.85
N VAL B 145 28.26 -6.29 8.99
CA VAL B 145 27.53 -6.38 10.24
C VAL B 145 27.39 -7.82 10.49
N THR B 146 26.76 -8.17 11.58
CA THR B 146 26.60 -9.53 11.94
C THR B 146 25.18 -9.79 12.33
N VAL B 147 24.63 -10.92 11.85
CA VAL B 147 23.25 -11.31 12.18
C VAL B 147 23.18 -11.60 13.60
N VAL B 148 22.14 -11.12 14.26
CA VAL B 148 21.97 -11.33 15.67
C VAL B 148 20.56 -11.70 16.05
N THR B 149 20.37 -12.44 17.13
CA THR B 149 19.03 -12.79 17.59
C THR B 149 18.65 -12.06 18.83
N SER B 150 19.62 -11.63 19.63
CA SER B 150 19.26 -10.99 20.88
C SER B 150 18.49 -9.67 20.56
N LEU B 151 17.43 -9.39 21.30
CA LEU B 151 16.65 -8.16 21.17
C LEU B 151 16.07 -8.04 19.73
N CYS B 152 15.57 -9.16 19.20
CA CYS B 152 15.04 -9.18 17.84
C CYS B 152 13.75 -9.98 17.80
N ARG B 153 12.72 -9.47 17.12
CA ARG B 153 11.48 -10.25 17.03
C ARG B 153 11.79 -11.48 16.14
N ARG B 154 11.08 -12.59 16.29
CA ARG B 154 11.26 -13.72 15.36
C ARG B 154 10.85 -13.30 13.91
N SER B 155 9.99 -12.27 13.84
CA SER B 155 9.53 -11.69 12.58
C SER B 155 10.47 -10.72 11.85
N ASN B 156 11.72 -10.59 12.32
CA ASN B 156 12.77 -9.76 11.72
C ASN B 156 14.07 -10.51 11.59
N VAL B 157 14.92 -10.01 10.71
CA VAL B 157 16.29 -10.46 10.69
C VAL B 157 16.94 -9.20 11.22
N CYS B 158 17.80 -9.35 12.23
CA CYS B 158 18.50 -8.18 12.78
C CYS B 158 20.02 -8.26 12.71
N THR B 159 20.65 -7.09 12.71
CA THR B 159 22.09 -7.04 12.66
C THR B 159 22.70 -6.17 13.75
N LEU B 160 24.03 -6.16 13.80
CA LEU B 160 24.73 -5.37 14.81
C LEU B 160 26.20 -5.28 14.49
N VAL B 161 26.73 -4.08 14.68
CA VAL B 161 28.13 -3.92 14.46
C VAL B 161 28.76 -4.00 15.83
N ARG B 162 29.40 -5.12 16.09
CA ARG B 162 30.04 -5.32 17.38
C ARG B 162 31.22 -4.39 17.63
N GLY B 163 31.24 -3.81 18.82
CA GLY B 163 32.42 -3.09 19.24
C GLY B 163 32.45 -1.62 19.00
N ARG B 164 31.60 -1.14 18.11
CA ARG B 164 31.54 0.30 17.93
C ARG B 164 30.13 0.74 17.68
N GLN B 165 29.95 2.05 17.57
CA GLN B 165 28.65 2.64 17.29
C GLN B 165 28.55 2.84 15.78
N ALA B 166 27.77 2.00 15.13
CA ALA B 166 27.62 2.08 13.69
C ALA B 166 26.42 1.24 13.27
N GLY B 167 25.86 1.57 12.10
CA GLY B 167 24.64 0.89 11.64
C GLY B 167 23.90 1.72 10.60
N VAL B 168 22.69 1.29 10.27
CA VAL B 168 21.89 1.98 9.25
C VAL B 168 21.24 3.26 9.79
N CYS B 169 21.05 4.26 8.92
CA CYS B 169 20.38 5.47 9.37
C CYS B 169 19.26 6.00 8.42
N PHE B 170 18.61 7.12 8.78
CA PHE B 170 17.49 7.65 7.93
C PHE B 170 17.94 7.74 6.45
N GLY B 171 17.21 7.12 5.55
CA GLY B 171 17.60 7.20 4.17
C GLY B 171 18.09 5.84 3.74
N ASP B 172 18.30 4.92 4.68
CA ASP B 172 18.73 3.57 4.31
C ASP B 172 17.53 2.62 4.32
N SER B 173 16.46 2.98 4.99
CA SER B 173 15.26 2.16 4.92
C SER B 173 14.97 1.75 3.46
N GLY B 174 14.47 0.54 3.25
CA GLY B 174 14.22 -0.09 1.95
C GLY B 174 15.46 -0.72 1.30
N SER B 175 16.64 -0.47 1.87
CA SER B 175 17.89 -0.97 1.27
C SER B 175 18.05 -2.47 1.60
N PRO B 176 18.77 -3.21 0.78
CA PRO B 176 18.88 -4.67 0.97
C PRO B 176 20.04 -4.98 1.96
N LEU B 177 19.97 -6.12 2.61
CA LEU B 177 21.05 -6.64 3.44
C LEU B 177 21.53 -7.88 2.67
N VAL B 178 22.78 -7.91 2.24
CA VAL B 178 23.28 -9.03 1.46
C VAL B 178 24.03 -10.01 2.39
N CYS B 179 23.65 -11.29 2.40
CA CYS B 179 24.36 -12.31 3.19
C CYS B 179 24.76 -13.51 2.27
N ASN B 180 26.06 -13.82 2.22
CA ASN B 180 26.50 -14.93 1.39
C ASN B 180 25.73 -14.91 0.06
N GLY B 181 25.71 -13.74 -0.55
CA GLY B 181 25.17 -13.55 -1.88
C GLY B 181 23.69 -13.30 -2.15
N LEU B 182 22.80 -13.56 -1.19
CA LEU B 182 21.35 -13.43 -1.37
C LEU B 182 20.78 -12.31 -0.48
N ILE B 183 19.67 -11.70 -0.90
CA ILE B 183 19.02 -10.62 -0.16
C ILE B 183 18.26 -11.21 0.97
N HIS B 184 18.77 -11.05 2.17
CA HIS B 184 18.13 -11.68 3.26
C HIS B 184 17.30 -10.67 4.04
N GLY B 185 17.58 -9.40 3.82
CA GLY B 185 16.81 -8.35 4.44
C GLY B 185 16.57 -7.08 3.63
N ILE B 186 15.56 -6.32 4.08
CA ILE B 186 15.32 -4.95 3.65
C ILE B 186 15.24 -4.13 4.93
N ALA B 187 16.02 -3.07 4.98
CA ALA B 187 16.18 -2.23 6.17
C ALA B 187 14.86 -1.59 6.57
N SER B 188 14.46 -1.75 7.82
CA SER B 188 13.15 -1.36 8.23
C SER B 188 13.07 -0.37 9.42
N PHE B 189 13.73 -0.73 10.54
CA PHE B 189 13.72 0.18 11.63
C PHE B 189 15.03 0.05 12.52
N VAL B 190 15.25 1.03 13.36
CA VAL B 190 16.39 1.11 14.32
C VAL B 190 15.76 1.51 15.65
N ARG B 191 16.44 1.28 16.82
CA ARG B 191 15.89 1.71 18.13
C ARG B 191 17.01 2.44 18.90
N GLY B 192 16.67 3.40 19.77
CA GLY B 192 17.70 4.19 20.46
C GLY B 192 18.45 5.10 19.48
N GLY B 193 17.76 5.45 18.38
CA GLY B 193 18.39 6.27 17.40
C GLY B 193 19.32 5.44 16.57
N CYS B 194 19.92 6.05 15.60
CA CYS B 194 20.88 5.38 14.74
C CYS B 194 22.18 5.11 15.51
N ALA B 195 22.75 3.97 15.16
CA ALA B 195 24.06 3.60 15.66
C ALA B 195 24.17 3.78 17.16
N SER B 196 23.20 3.29 17.92
CA SER B 196 23.18 3.38 19.38
C SER B 196 24.25 2.51 20.16
N GLY B 197 24.61 1.35 19.61
CA GLY B 197 25.55 0.45 20.25
C GLY B 197 24.80 -0.44 21.18
N LEU B 198 23.54 -0.11 21.44
CA LEU B 198 22.74 -0.88 22.37
C LEU B 198 21.75 -1.86 21.71
N TYR B 199 21.18 -1.46 20.57
CA TYR B 199 20.11 -2.20 19.90
C TYR B 199 20.51 -2.61 18.50
N PRO B 200 20.09 -3.81 18.07
CA PRO B 200 20.48 -4.23 16.72
C PRO B 200 19.53 -3.50 15.70
N ASP B 201 19.96 -3.39 14.45
CA ASP B 201 19.09 -2.83 13.40
C ASP B 201 18.17 -3.94 12.97
N ALA B 202 16.97 -3.57 12.52
CA ALA B 202 15.96 -4.57 12.13
C ALA B 202 15.58 -4.48 10.63
N PHE B 203 15.61 -5.66 9.98
CA PHE B 203 15.40 -5.77 8.54
C PHE B 203 14.24 -6.72 8.34
N ALA B 204 13.35 -6.38 7.41
CA ALA B 204 12.30 -7.27 7.07
C ALA B 204 12.95 -8.54 6.52
N PRO B 205 12.40 -9.63 6.92
CA PRO B 205 12.91 -10.98 6.61
C PRO B 205 12.59 -11.51 5.21
N VAL B 206 13.40 -11.29 4.21
CA VAL B 206 12.95 -11.54 2.83
C VAL B 206 12.53 -12.98 2.56
N ALA B 207 13.31 -13.89 3.15
CA ALA B 207 13.11 -15.34 3.06
C ALA B 207 11.74 -15.78 3.50
N GLN B 208 11.11 -14.98 4.34
CA GLN B 208 9.73 -15.27 4.76
C GLN B 208 8.52 -14.92 3.71
N PHE B 209 8.85 -14.21 2.63
CA PHE B 209 7.89 -13.64 1.64
C PHE B 209 8.22 -14.19 0.24
N VAL B 210 9.19 -15.11 0.25
CA VAL B 210 9.67 -15.69 -1.00
C VAL B 210 8.65 -16.23 -2.01
N ASN B 211 7.78 -17.14 -1.59
CA ASN B 211 6.80 -17.69 -2.52
C ASN B 211 5.83 -16.59 -2.93
N TRP B 212 5.53 -15.66 -2.02
CA TRP B 212 4.65 -14.56 -2.38
C TRP B 212 5.30 -13.73 -3.44
N ILE B 213 6.54 -13.32 -3.20
CA ILE B 213 7.26 -12.51 -4.16
C ILE B 213 7.23 -13.27 -5.48
N ASP B 214 7.77 -14.48 -5.45
CA ASP B 214 7.67 -15.27 -6.69
C ASP B 214 6.28 -15.35 -7.35
N SER B 215 5.17 -15.45 -6.63
CA SER B 215 3.89 -15.58 -7.31
C SER B 215 3.57 -14.34 -8.12
N ILE B 216 4.44 -13.35 -8.00
CA ILE B 216 4.32 -12.05 -8.62
C ILE B 216 5.32 -11.79 -9.73
N ILE B 217 6.57 -12.15 -9.58
CA ILE B 217 7.53 -11.72 -10.60
C ILE B 217 7.86 -12.83 -11.60
N GLN B 218 7.37 -14.04 -11.33
CA GLN B 218 7.67 -15.18 -12.21
C GLN B 218 6.43 -15.59 -13.03
C1 NAG C . -33.73 1.00 -6.66
C2 NAG C . -34.99 0.44 -7.34
C3 NAG C . -35.82 -0.26 -6.27
C4 NAG C . -34.93 -1.36 -5.72
C5 NAG C . -33.67 -0.73 -5.11
C6 NAG C . -32.81 -1.83 -4.48
C7 NAG C . -35.72 1.74 -9.27
C8 NAG C . -36.77 2.68 -9.79
N2 NAG C . -35.86 1.43 -8.00
O3 NAG C . -36.97 -0.79 -6.89
O4 NAG C . -35.64 -2.08 -4.75
O5 NAG C . -32.96 -0.09 -6.18
O6 NAG C . -32.21 -2.58 -5.52
O7 NAG C . -34.81 1.33 -10.02
C1 FUC C . -31.95 -3.93 -5.10
C2 FUC C . -31.29 -4.66 -6.25
C3 FUC C . -29.87 -4.21 -6.54
C4 FUC C . -29.06 -4.29 -5.29
C5 FUC C . -29.82 -3.45 -4.26
C6 FUC C . -29.09 -3.40 -2.94
O2 FUC C . -32.05 -4.29 -7.39
O3 FUC C . -29.26 -4.97 -7.53
O4 FUC C . -28.82 -5.66 -4.93
O5 FUC C . -31.09 -3.97 -3.99
C1 NAG D . -8.54 -0.48 18.43
C2 NAG D . -8.55 -0.63 19.98
C3 NAG D . -9.48 0.39 20.66
C4 NAG D . -9.09 1.81 20.30
C5 NAG D . -9.26 1.79 18.78
C6 NAG D . -9.21 3.19 18.18
C7 NAG D . -8.07 -2.98 20.60
C8 NAG D . -6.61 -2.65 20.47
N2 NAG D . -8.93 -1.95 20.43
O3 NAG D . -9.48 0.20 22.05
O4 NAG D . -9.83 2.82 20.98
O5 NAG D . -8.32 0.92 18.20
O6 NAG D . -8.23 3.95 18.83
O7 NAG D . -8.46 -4.14 20.82
C1 FUC D . -8.30 5.29 18.31
C2 FUC D . -7.34 6.18 19.07
C3 FUC D . -6.03 5.39 19.01
C4 FUC D . -5.60 5.51 17.55
C5 FUC D . -6.63 4.83 16.67
C6 FUC D . -6.31 5.09 15.20
O2 FUC D . -7.83 6.43 20.37
O3 FUC D . -5.02 5.78 19.90
O4 FUC D . -5.58 6.87 17.14
O5 FUC D . -7.94 5.31 16.95
C1 NAG E . 33.38 -7.13 4.88
C2 NAG E . 34.57 -8.03 5.20
C3 NAG E . 35.32 -8.46 3.92
C4 NAG E . 34.41 -8.96 2.80
C5 NAG E . 33.15 -8.10 2.67
C6 NAG E . 32.15 -8.84 1.78
C7 NAG E . 35.58 -7.86 7.45
C8 NAG E . 36.65 -7.19 8.27
N2 NAG E . 35.51 -7.47 6.15
O3 NAG E . 36.19 -9.53 4.27
O4 NAG E . 35.08 -9.00 1.55
O5 NAG E . 32.60 -7.90 3.96
O6 NAG E . 31.35 -9.77 2.50
O7 NAG E . 34.85 -8.70 7.99
C1 FUC E . 30.84 -10.84 1.65
C2 FUC E . 29.96 -11.83 2.42
C3 FUC E . 28.55 -11.33 2.69
C4 FUC E . 27.88 -10.80 1.43
C5 FUC E . 28.85 -9.86 0.72
C6 FUC E . 28.29 -9.45 -0.62
O2 FUC E . 30.57 -12.19 3.66
O3 FUC E . 27.79 -12.38 3.22
O4 FUC E . 27.49 -11.86 0.59
O5 FUC E . 30.12 -10.44 0.50
C1 NAG F . 9.01 5.35 -17.39
C2 NAG F . 9.13 5.72 -18.88
C3 NAG F . 10.22 6.76 -19.21
C4 NAG F . 10.04 7.96 -18.32
C5 NAG F . 10.18 7.42 -16.90
C6 NAG F . 10.14 8.55 -15.88
C7 NAG F . 8.41 3.96 -20.49
C8 NAG F . 6.99 4.43 -20.35
N2 NAG F . 9.32 4.51 -19.68
O3 NAG F . 10.11 7.24 -20.52
O4 NAG F . 10.93 9.03 -18.67
O5 NAG F . 9.13 6.51 -16.62
O6 NAG F . 9.16 9.50 -16.18
O7 NAG F . 8.69 3.08 -21.34
C1 FUC F . 9.62 10.70 -15.56
C2 FUC F . 8.74 11.86 -15.97
C3 FUC F . 7.35 11.29 -15.86
C4 FUC F . 7.15 10.99 -14.38
C5 FUC F . 8.20 9.98 -13.90
C6 FUC F . 8.08 9.70 -12.40
O2 FUC F . 9.07 12.25 -17.28
O3 FUC F . 6.35 12.17 -16.31
O4 FUC F . 7.29 12.16 -13.61
O5 FUC F . 9.50 10.48 -14.18
O3 151 G . -12.52 12.63 -8.44
C2 151 G . -11.90 11.62 -8.80
N1 151 G . -11.50 10.62 -7.94
C26 151 G . -10.41 9.73 -8.21
C28 151 G . -10.01 9.16 -6.81
C29 151 G . -10.70 10.17 -5.91
N2 151 G . -9.87 11.33 -5.97
S1 151 G . -9.99 12.45 -4.68
C3 151 G . -10.77 11.83 -3.22
O1 151 G . -8.56 12.88 -4.56
O2 151 G . -10.85 13.59 -5.23
C8 151 G . -12.04 10.46 -6.62
C7 151 G . -13.00 9.27 -6.45
C27 151 G . -14.38 9.37 -7.15
C1 151 G . -15.09 10.61 -6.58
C17 151 G . -15.17 8.07 -6.90
C30 151 G . -13.20 9.02 -4.94
O5 151 G . -13.80 9.74 -4.09
C4 151 G . -11.39 11.60 -10.08
N3 151 G . -11.14 10.45 -10.89
C5 151 G . -10.54 11.08 -12.01
O4 151 G . -10.43 12.46 -11.92
C6 151 G . -10.93 12.77 -10.69
C9 151 G . -10.08 10.32 -13.21
N4 151 G . -8.74 9.77 -13.10
C11 151 G . -8.61 8.51 -12.36
C13 151 G . -8.61 7.43 -13.44
C14 151 G . -7.65 8.09 -14.41
C12 151 G . -8.19 9.53 -14.45
O3 151 H . 14.52 5.84 12.34
C2 151 H . 13.61 5.06 12.35
N1 151 H . 12.97 4.61 11.22
C26 151 H . 11.71 3.89 11.21
C28 151 H . 11.25 4.11 9.77
C29 151 H . 12.19 5.15 9.17
N2 151 H . 11.75 6.38 9.74
S1 151 H . 12.16 7.92 9.09
C3 151 H . 12.08 9.13 10.42
O1 151 H . 13.53 7.80 8.41
O2 151 H . 11.03 8.02 8.07
C8 151 H . 13.49 4.87 9.88
C7 151 H . 14.10 3.63 9.27
C27 151 H . 15.40 3.13 9.93
C1 151 H . 16.40 4.29 9.78
C17 151 H . 15.95 1.93 9.12
C30 151 H . 14.27 3.98 7.77
O5 151 H . 15.05 4.71 7.19
C4 151 H . 13.07 4.68 13.52
N3 151 H . 12.71 3.33 13.73
C5 151 H . 12.11 3.46 14.99
O4 151 H . 12.12 4.72 15.54
C6 151 H . 12.70 5.51 14.60
C9 151 H . 11.61 2.23 15.63
N4 151 H . 10.19 2.13 15.81
C11 151 H . 9.41 1.85 14.57
C13 151 H . 9.11 0.38 14.68
C14 151 H . 8.98 0.11 16.19
C12 151 H . 9.82 1.20 16.87
#